data_3MQD
#
_entry.id   3MQD
#
_cell.length_a   78.070
_cell.length_b   83.620
_cell.length_c   73.640
_cell.angle_alpha   90.00
_cell.angle_beta   121.37
_cell.angle_gamma   90.00
#
_symmetry.space_group_name_H-M   'C 1 2 1'
#
loop_
_entity.id
_entity.type
_entity.pdbx_description
1 polymer 'Beta-ketoacyl synthase'
2 non-polymer 'SODIUM ION'
3 non-polymer 'CHLORIDE ION'
4 non-polymer (5-thiophen-2-ylisoxazol-3-yl)methanol
5 water water
#
_entity_poly.entity_id   1
_entity_poly.type   'polypeptide(L)'
_entity_poly.pdbx_seq_one_letter_code
;MAHHHHHHMGTLEAQTQGPGSMRRVVVTGMGIVSSIGSNTEEVTASLREAKSGISRAEEYAELGFRCQVHGAPDIDIESL
VDRRAMRFHGRGTAWNHIAMDQAIADAGLTEEEVSNERTGIIMGSGGPSTRTIVDSADITREKGPKRVGPFAVPKAMSST
ASATLATFFKIKGINYSISSACATSNHCIGNAYEMIQYGKQDRMFAGGCEDLDWTLSVLFDAMGAMSSKYNDTPSTASRA
YDKNRDGFVIAGGAGVLVLEDLETALARGAKIYGEIVGYGATSDGYDMVAPSGEGAIRCMKMALSTVTSKIDYINPHATS
TPAGDAPEIEAIRQIFGAGDVCPPIAATKSLTGHSLGATGVQEAIYSLLMMQNNFICESAHIEELDPAFADMPIVRKRID
NVQLNTVLSNSFGFGGTNATLVFQRYQG
;
_entity_poly.pdbx_strand_id   A
#
loop_
_chem_comp.id
_chem_comp.type
_chem_comp.name
_chem_comp.formula
3MQ non-polymer (5-thiophen-2-ylisoxazol-3-yl)methanol 'C8 H7 N O2 S'
CL non-polymer 'CHLORIDE ION' 'Cl -1'
NA non-polymer 'SODIUM ION' 'Na 1'
#
# COMPACT_ATOMS: atom_id res chain seq x y z
N MET A 22 20.06 -18.33 -3.19
CA MET A 22 18.70 -17.80 -3.32
CA MET A 22 18.65 -17.79 -3.25
C MET A 22 18.21 -17.52 -4.70
N ARG A 23 16.94 -17.81 -5.01
CA ARG A 23 16.40 -17.52 -6.33
C ARG A 23 16.05 -16.05 -6.46
N ARG A 24 16.06 -15.60 -7.70
CA ARG A 24 15.64 -14.26 -8.08
C ARG A 24 14.11 -14.25 -8.22
N VAL A 25 13.51 -13.11 -7.94
CA VAL A 25 12.06 -12.95 -7.82
C VAL A 25 11.61 -11.69 -8.55
N VAL A 26 10.60 -11.85 -9.44
CA VAL A 26 10.12 -10.74 -10.26
C VAL A 26 8.63 -10.54 -10.11
N VAL A 27 8.19 -9.31 -10.42
CA VAL A 27 6.80 -8.92 -10.40
C VAL A 27 6.25 -9.05 -11.82
N THR A 28 5.22 -9.89 -12.00
CA THR A 28 4.72 -10.27 -13.32
C THR A 28 3.28 -9.78 -13.59
N GLY A 29 2.65 -9.17 -12.59
CA GLY A 29 1.29 -8.65 -12.73
C GLY A 29 0.95 -7.76 -11.56
N MET A 30 0.06 -6.82 -11.80
CA MET A 30 -0.34 -5.80 -10.81
CA MET A 30 -0.42 -5.99 -10.73
C MET A 30 -1.85 -5.58 -10.92
N GLY A 31 -2.47 -5.29 -9.79
CA GLY A 31 -3.84 -4.88 -9.73
C GLY A 31 -4.04 -3.90 -8.59
N ILE A 32 -4.94 -2.92 -8.78
CA ILE A 32 -5.10 -1.85 -7.80
C ILE A 32 -6.49 -1.25 -7.82
N VAL A 33 -7.00 -0.94 -6.62
CA VAL A 33 -8.17 -0.11 -6.38
C VAL A 33 -7.72 0.99 -5.44
N SER A 34 -7.72 2.23 -5.92
CA SER A 34 -7.13 3.36 -5.21
CA SER A 34 -7.21 3.32 -5.13
C SER A 34 -8.05 4.58 -5.23
N SER A 35 -7.81 5.47 -4.29
CA SER A 35 -8.45 6.80 -4.32
C SER A 35 -8.06 7.56 -5.59
N ILE A 36 -6.96 7.21 -6.26
CA ILE A 36 -6.54 7.89 -7.47
C ILE A 36 -6.75 7.03 -8.74
N GLY A 37 -7.48 5.94 -8.64
CA GLY A 37 -7.90 5.23 -9.82
C GLY A 37 -8.28 3.81 -9.54
N SER A 38 -9.12 3.27 -10.42
CA SER A 38 -9.70 1.96 -10.28
C SER A 38 -8.95 0.86 -11.03
N ASN A 39 -7.82 1.22 -11.63
CA ASN A 39 -6.95 0.31 -12.37
C ASN A 39 -5.65 1.01 -12.57
N THR A 40 -4.65 0.31 -13.11
CA THR A 40 -3.34 0.92 -13.26
C THR A 40 -3.29 2.08 -14.26
N GLU A 41 -4.14 2.07 -15.27
CA GLU A 41 -4.16 3.16 -16.23
C GLU A 41 -4.66 4.43 -15.60
N GLU A 42 -5.75 4.34 -14.81
CA GLU A 42 -6.26 5.52 -14.14
C GLU A 42 -5.25 6.03 -13.12
N VAL A 43 -4.61 5.12 -12.37
CA VAL A 43 -3.63 5.54 -11.39
C VAL A 43 -2.47 6.25 -12.07
N THR A 44 -1.99 5.72 -13.20
CA THR A 44 -0.91 6.36 -13.92
C THR A 44 -1.26 7.80 -14.31
N ALA A 45 -2.46 7.98 -14.84
CA ALA A 45 -2.88 9.30 -15.27
C ALA A 45 -2.93 10.24 -14.08
N SER A 46 -3.42 9.78 -12.92
CA SER A 46 -3.47 10.60 -11.72
C SER A 46 -2.08 11.02 -11.21
N LEU A 47 -1.13 10.09 -11.26
CA LEU A 47 0.23 10.36 -10.89
C LEU A 47 0.85 11.41 -11.84
N ARG A 48 0.67 11.21 -13.14
CA ARG A 48 1.19 12.15 -14.17
CA ARG A 48 1.30 12.12 -14.07
C ARG A 48 0.70 13.55 -13.95
N GLU A 49 -0.58 13.66 -13.67
CA GLU A 49 -1.25 14.94 -13.62
C GLU A 49 -1.38 15.53 -12.23
N ALA A 50 -0.81 14.86 -11.22
CA ALA A 50 -0.97 15.26 -9.84
C ALA A 50 -2.43 15.52 -9.53
N LYS A 51 -3.29 14.53 -9.87
CA LYS A 51 -4.72 14.65 -9.58
CA LYS A 51 -4.74 14.61 -9.60
C LYS A 51 -5.00 14.04 -8.22
N SER A 52 -5.44 14.86 -7.27
CA SER A 52 -5.73 14.40 -5.91
C SER A 52 -6.92 13.47 -5.89
N GLY A 53 -6.83 12.46 -5.02
CA GLY A 53 -7.91 11.58 -4.71
C GLY A 53 -8.69 11.90 -3.47
N ILE A 54 -8.48 13.06 -2.88
CA ILE A 54 -9.06 13.41 -1.59
C ILE A 54 -10.30 14.28 -1.77
N SER A 55 -11.34 13.94 -1.04
CA SER A 55 -12.64 14.65 -1.08
C SER A 55 -13.19 14.84 0.35
N ARG A 56 -14.23 15.64 0.43
CA ARG A 56 -14.97 15.81 1.67
C ARG A 56 -15.68 14.54 2.07
N ALA A 57 -15.61 14.25 3.36
CA ALA A 57 -16.31 13.13 4.01
C ALA A 57 -17.48 13.72 4.81
N GLU A 58 -18.63 13.90 4.17
CA GLU A 58 -19.80 14.48 4.84
CA GLU A 58 -19.77 14.50 4.86
C GLU A 58 -20.18 13.71 6.10
N GLU A 59 -20.06 12.40 6.06
CA GLU A 59 -20.45 11.59 7.19
C GLU A 59 -19.62 11.91 8.42
N TYR A 60 -18.33 12.16 8.20
CA TYR A 60 -17.45 12.48 9.34
C TYR A 60 -17.95 13.78 10.01
N ALA A 61 -18.33 14.76 9.18
CA ALA A 61 -18.89 15.99 9.70
C ALA A 61 -20.16 15.70 10.51
N GLU A 62 -21.04 14.87 9.99
CA GLU A 62 -22.29 14.55 10.66
C GLU A 62 -22.06 13.90 12.04
N LEU A 63 -20.99 13.10 12.15
CA LEU A 63 -20.65 12.43 13.37
C LEU A 63 -19.83 13.29 14.33
N GLY A 64 -19.46 14.50 13.93
CA GLY A 64 -18.76 15.39 14.82
C GLY A 64 -17.24 15.25 14.79
N PHE A 65 -16.68 14.65 13.75
CA PHE A 65 -15.22 14.54 13.64
C PHE A 65 -14.61 15.92 13.47
N ARG A 66 -13.33 16.04 13.86
CA ARG A 66 -12.51 17.20 13.46
C ARG A 66 -12.11 17.11 11.99
N CYS A 67 -11.57 15.97 11.60
CA CYS A 67 -11.18 15.68 10.21
C CYS A 67 -12.43 15.34 9.42
N GLN A 68 -12.63 16.04 8.27
CA GLN A 68 -13.77 15.81 7.40
C GLN A 68 -13.37 15.57 5.94
N VAL A 69 -12.27 14.84 5.76
CA VAL A 69 -11.73 14.51 4.45
C VAL A 69 -11.31 13.05 4.41
N HIS A 70 -11.29 12.48 3.21
CA HIS A 70 -10.91 11.09 3.01
C HIS A 70 -10.54 10.83 1.55
N GLY A 71 -9.87 9.71 1.32
CA GLY A 71 -9.54 9.23 -0.03
C GLY A 71 -10.33 8.00 -0.35
N ALA A 72 -11.47 8.19 -1.03
CA ALA A 72 -12.41 7.12 -1.31
C ALA A 72 -12.26 6.59 -2.72
N PRO A 73 -12.06 5.28 -2.89
CA PRO A 73 -12.22 4.70 -4.22
C PRO A 73 -13.59 5.01 -4.81
N ASP A 74 -13.65 4.99 -6.13
CA ASP A 74 -14.89 5.20 -6.87
C ASP A 74 -14.98 4.05 -7.84
N ILE A 75 -15.65 3.01 -7.39
CA ILE A 75 -15.70 1.74 -8.13
C ILE A 75 -16.98 0.99 -7.79
N ASP A 76 -17.57 0.36 -8.79
CA ASP A 76 -18.82 -0.34 -8.64
C ASP A 76 -18.56 -1.80 -8.34
N ILE A 77 -18.51 -2.14 -7.06
CA ILE A 77 -18.15 -3.50 -6.65
C ILE A 77 -19.10 -4.53 -7.26
N GLU A 78 -20.42 -4.30 -7.23
CA GLU A 78 -21.39 -5.31 -7.66
C GLU A 78 -21.27 -5.63 -9.13
N SER A 79 -20.72 -4.71 -9.92
CA SER A 79 -20.46 -4.94 -11.34
C SER A 79 -19.24 -5.81 -11.59
N LEU A 80 -18.38 -5.99 -10.57
CA LEU A 80 -17.11 -6.65 -10.75
C LEU A 80 -16.92 -7.91 -9.90
N VAL A 81 -17.74 -8.11 -8.86
CA VAL A 81 -17.67 -9.27 -7.99
C VAL A 81 -19.12 -9.78 -7.84
N ASP A 82 -19.34 -11.02 -8.20
CA ASP A 82 -20.74 -11.51 -8.21
C ASP A 82 -21.24 -11.82 -6.78
N ARG A 83 -22.53 -11.98 -6.67
CA ARG A 83 -23.17 -12.03 -5.36
C ARG A 83 -22.65 -13.15 -4.48
N ARG A 84 -22.51 -14.35 -5.06
CA ARG A 84 -22.06 -15.44 -4.23
C ARG A 84 -20.62 -15.25 -3.82
N ALA A 85 -19.85 -14.66 -4.74
CA ALA A 85 -18.47 -14.34 -4.51
C ALA A 85 -18.33 -13.32 -3.35
N MET A 86 -19.32 -12.44 -3.11
CA MET A 86 -19.37 -11.41 -2.05
C MET A 86 -19.83 -11.93 -0.68
N ARG A 87 -20.26 -13.18 -0.58
CA ARG A 87 -20.84 -13.70 0.66
C ARG A 87 -19.94 -13.45 1.87
N PHE A 88 -18.62 -13.60 1.69
CA PHE A 88 -17.69 -13.49 2.80
C PHE A 88 -16.81 -12.25 2.73
N HIS A 89 -17.14 -11.28 1.87
CA HIS A 89 -16.33 -10.08 1.74
C HIS A 89 -16.87 -8.90 2.52
N GLY A 90 -15.98 -8.29 3.29
CA GLY A 90 -16.14 -6.92 3.65
C GLY A 90 -15.77 -6.04 2.46
N ARG A 91 -15.97 -4.72 2.55
CA ARG A 91 -15.72 -3.86 1.40
CA ARG A 91 -15.72 -3.86 1.40
C ARG A 91 -14.23 -3.85 1.04
N GLY A 92 -13.37 -3.82 2.06
CA GLY A 92 -11.97 -3.81 1.78
C GLY A 92 -11.47 -5.06 1.03
N THR A 93 -11.95 -6.24 1.45
CA THR A 93 -11.54 -7.46 0.77
C THR A 93 -12.25 -7.60 -0.58
N ALA A 94 -13.42 -6.99 -0.79
CA ALA A 94 -14.01 -6.93 -2.09
C ALA A 94 -13.13 -6.12 -3.08
N TRP A 95 -12.63 -4.98 -2.62
CA TRP A 95 -11.65 -4.25 -3.40
C TRP A 95 -10.41 -5.08 -3.67
N ASN A 96 -9.98 -5.88 -2.68
CA ASN A 96 -8.82 -6.74 -2.86
C ASN A 96 -9.11 -7.82 -3.91
N HIS A 97 -10.33 -8.35 -3.93
CA HIS A 97 -10.75 -9.36 -4.94
C HIS A 97 -10.63 -8.76 -6.33
N ILE A 98 -11.11 -7.54 -6.49
CA ILE A 98 -11.01 -6.82 -7.76
C ILE A 98 -9.54 -6.66 -8.17
N ALA A 99 -8.70 -6.25 -7.23
CA ALA A 99 -7.27 -6.10 -7.51
C ALA A 99 -6.64 -7.44 -7.90
N MET A 100 -7.06 -8.53 -7.27
CA MET A 100 -6.57 -9.88 -7.59
CA MET A 100 -6.53 -9.86 -7.61
C MET A 100 -6.96 -10.29 -9.02
N ASP A 101 -8.22 -10.07 -9.38
CA ASP A 101 -8.67 -10.31 -10.73
C ASP A 101 -7.81 -9.51 -11.75
N GLN A 102 -7.56 -8.26 -11.46
CA GLN A 102 -6.74 -7.43 -12.34
C GLN A 102 -5.36 -8.00 -12.47
N ALA A 103 -4.74 -8.41 -11.35
CA ALA A 103 -3.37 -8.90 -11.36
C ALA A 103 -3.25 -10.20 -12.15
N ILE A 104 -4.25 -11.08 -11.99
CA ILE A 104 -4.27 -12.35 -12.73
C ILE A 104 -4.38 -12.08 -14.22
N ALA A 105 -5.25 -11.15 -14.59
CA ALA A 105 -5.43 -10.80 -16.01
C ALA A 105 -4.16 -10.16 -16.59
N ASP A 106 -3.52 -9.28 -15.83
CA ASP A 106 -2.32 -8.61 -16.25
C ASP A 106 -1.20 -9.61 -16.46
N ALA A 107 -1.09 -10.57 -15.55
CA ALA A 107 -0.05 -11.61 -15.63
C ALA A 107 -0.39 -12.65 -16.70
N GLY A 108 -1.62 -12.71 -17.16
CA GLY A 108 -2.01 -13.68 -18.17
C GLY A 108 -2.02 -15.09 -17.67
N LEU A 109 -2.29 -15.30 -16.40
CA LEU A 109 -2.23 -16.66 -15.81
C LEU A 109 -3.41 -17.50 -16.21
N THR A 110 -3.16 -18.78 -16.41
CA THR A 110 -4.20 -19.76 -16.53
C THR A 110 -4.78 -20.12 -15.17
N GLU A 111 -5.92 -20.81 -15.15
CA GLU A 111 -6.48 -21.27 -13.89
C GLU A 111 -5.52 -22.21 -13.16
N GLU A 112 -4.83 -23.06 -13.91
CA GLU A 112 -3.87 -23.96 -13.31
C GLU A 112 -2.71 -23.22 -12.66
N GLU A 113 -2.29 -22.14 -13.27
CA GLU A 113 -1.22 -21.31 -12.72
C GLU A 113 -1.63 -20.56 -11.46
N VAL A 114 -2.91 -20.25 -11.30
CA VAL A 114 -3.41 -19.64 -10.09
C VAL A 114 -3.53 -20.68 -8.96
N SER A 115 -4.01 -21.87 -9.28
CA SER A 115 -4.38 -22.90 -8.33
C SER A 115 -3.49 -24.13 -8.41
N ASN A 116 -2.44 -24.17 -7.60
CA ASN A 116 -1.49 -25.29 -7.59
C ASN A 116 -0.68 -25.23 -6.31
N GLU A 117 -0.02 -26.31 -5.95
CA GLU A 117 0.70 -26.40 -4.69
C GLU A 117 1.89 -25.49 -4.59
N ARG A 118 2.37 -25.00 -5.74
CA ARG A 118 3.54 -24.13 -5.75
C ARG A 118 3.18 -22.65 -5.70
N THR A 119 1.90 -22.31 -5.56
CA THR A 119 1.43 -20.94 -5.67
C THR A 119 0.61 -20.58 -4.45
N GLY A 120 1.00 -19.51 -3.76
CA GLY A 120 0.43 -19.11 -2.50
C GLY A 120 -0.05 -17.69 -2.47
N ILE A 121 -0.48 -17.26 -1.27
CA ILE A 121 -1.02 -15.95 -1.04
C ILE A 121 -0.64 -15.44 0.37
N ILE A 122 -0.08 -14.24 0.42
CA ILE A 122 0.09 -13.49 1.67
C ILE A 122 -0.49 -12.13 1.45
N MET A 123 -1.65 -11.88 2.08
CA MET A 123 -2.51 -10.77 1.74
C MET A 123 -3.06 -10.26 3.07
N GLY A 124 -2.86 -8.98 3.41
CA GLY A 124 -3.16 -8.46 4.72
C GLY A 124 -3.99 -7.20 4.71
N SER A 125 -4.48 -6.86 5.88
CA SER A 125 -5.13 -5.60 6.11
C SER A 125 -4.71 -5.10 7.51
N GLY A 126 -4.65 -3.79 7.69
CA GLY A 126 -4.29 -3.30 9.00
C GLY A 126 -5.27 -3.57 10.09
N GLY A 127 -6.52 -3.69 9.69
CA GLY A 127 -7.63 -4.22 10.54
C GLY A 127 -8.53 -5.01 9.66
N PRO A 128 -9.54 -5.71 10.24
CA PRO A 128 -10.58 -6.42 9.46
C PRO A 128 -11.68 -5.44 9.14
N SER A 129 -12.84 -5.95 8.83
CA SER A 129 -14.00 -5.13 8.66
C SER A 129 -14.57 -4.65 10.01
N THR A 130 -14.13 -3.45 10.45
CA THR A 130 -14.72 -2.85 11.62
C THR A 130 -16.21 -2.63 11.43
N ARG A 131 -16.65 -2.34 10.21
CA ARG A 131 -18.08 -2.14 10.02
CA ARG A 131 -18.06 -2.17 9.92
C ARG A 131 -18.85 -3.43 10.30
N THR A 132 -18.33 -4.59 9.88
CA THR A 132 -19.00 -5.84 10.22
C THR A 132 -19.09 -6.01 11.71
N ILE A 133 -18.00 -5.75 12.43
CA ILE A 133 -17.96 -5.94 13.86
C ILE A 133 -19.00 -5.06 14.56
N VAL A 134 -19.05 -3.77 14.19
CA VAL A 134 -19.97 -2.82 14.81
C VAL A 134 -21.42 -3.17 14.42
N ASP A 135 -21.69 -3.42 13.14
CA ASP A 135 -23.05 -3.76 12.74
C ASP A 135 -23.55 -4.99 13.48
N SER A 136 -22.64 -5.99 13.68
CA SER A 136 -23.03 -7.19 14.38
C SER A 136 -23.37 -6.91 15.83
N ALA A 137 -22.55 -6.12 16.51
CA ALA A 137 -22.81 -5.74 17.89
C ALA A 137 -24.15 -5.00 18.01
N ASP A 138 -24.36 -4.08 17.09
CA ASP A 138 -25.59 -3.28 17.09
C ASP A 138 -26.81 -4.19 16.89
N ILE A 139 -26.79 -5.05 15.89
CA ILE A 139 -27.98 -5.88 15.58
C ILE A 139 -28.20 -6.89 16.68
N THR A 140 -27.12 -7.38 17.30
CA THR A 140 -27.30 -8.29 18.44
C THR A 140 -28.20 -7.64 19.50
N ARG A 141 -27.86 -6.40 19.83
CA ARG A 141 -28.56 -5.71 20.91
C ARG A 141 -29.97 -5.25 20.49
N GLU A 142 -30.15 -4.91 19.22
CA GLU A 142 -31.45 -4.43 18.70
CA GLU A 142 -31.43 -4.41 18.71
C GLU A 142 -32.42 -5.55 18.39
N LYS A 143 -31.94 -6.61 17.76
CA LYS A 143 -32.79 -7.65 17.19
C LYS A 143 -32.40 -9.08 17.59
N GLY A 144 -31.29 -9.28 18.27
CA GLY A 144 -30.87 -10.55 18.78
C GLY A 144 -29.72 -11.17 18.01
N PRO A 145 -28.97 -12.08 18.66
CA PRO A 145 -27.75 -12.64 18.03
C PRO A 145 -27.99 -13.32 16.67
N LYS A 146 -29.11 -14.02 16.48
CA LYS A 146 -29.33 -14.72 15.21
CA LYS A 146 -29.32 -14.71 15.21
C LYS A 146 -29.23 -13.74 14.03
N ARG A 147 -29.69 -12.50 14.24
CA ARG A 147 -29.72 -11.49 13.19
C ARG A 147 -28.38 -10.96 12.76
N VAL A 148 -27.29 -11.34 13.44
CA VAL A 148 -25.94 -11.13 12.92
C VAL A 148 -25.72 -11.83 11.59
N GLY A 149 -26.44 -12.94 11.41
CA GLY A 149 -26.28 -13.82 10.28
C GLY A 149 -25.06 -14.69 10.41
N PRO A 150 -24.95 -15.65 9.50
CA PRO A 150 -23.95 -16.72 9.62
C PRO A 150 -22.64 -16.48 8.87
N PHE A 151 -22.46 -15.32 8.26
CA PHE A 151 -21.32 -15.09 7.38
C PHE A 151 -20.37 -14.00 7.87
N ALA A 152 -20.47 -13.60 9.14
CA ALA A 152 -19.72 -12.45 9.65
C ALA A 152 -18.27 -12.80 10.00
N VAL A 153 -17.97 -14.03 10.46
CA VAL A 153 -16.62 -14.35 10.94
C VAL A 153 -15.55 -14.04 9.89
N PRO A 154 -15.71 -14.56 8.66
CA PRO A 154 -14.62 -14.32 7.69
C PRO A 154 -14.38 -12.88 7.28
N LYS A 155 -15.40 -12.03 7.50
CA LYS A 155 -15.28 -10.58 7.30
C LYS A 155 -14.59 -9.89 8.45
N ALA A 156 -14.86 -10.36 9.66
CA ALA A 156 -14.41 -9.75 10.87
C ALA A 156 -13.03 -10.20 11.30
N MET A 157 -12.56 -11.36 10.86
CA MET A 157 -11.30 -11.87 11.31
C MET A 157 -10.12 -11.14 10.65
N SER A 158 -8.99 -11.09 11.33
CA SER A 158 -7.84 -10.37 10.83
C SER A 158 -7.24 -10.94 9.53
N SER A 159 -7.46 -12.23 9.27
CA SER A 159 -6.99 -12.92 8.08
C SER A 159 -7.97 -12.82 6.93
N THR A 160 -8.96 -11.94 7.01
CA THR A 160 -10.00 -11.85 6.01
C THR A 160 -9.46 -11.78 4.56
N ALA A 161 -8.46 -10.95 4.28
CA ALA A 161 -7.97 -10.74 2.94
C ALA A 161 -7.35 -12.01 2.37
N SER A 162 -6.63 -12.78 3.16
CA SER A 162 -6.07 -14.02 2.65
C SER A 162 -7.12 -15.13 2.55
N ALA A 163 -7.98 -15.26 3.58
CA ALA A 163 -8.93 -16.34 3.64
C ALA A 163 -9.92 -16.28 2.48
N THR A 164 -10.46 -15.07 2.23
CA THR A 164 -11.47 -14.90 1.21
C THR A 164 -10.88 -15.18 -0.16
N LEU A 165 -9.74 -14.60 -0.48
CA LEU A 165 -9.14 -14.77 -1.79
C LEU A 165 -8.59 -16.18 -1.97
N ALA A 166 -7.97 -16.75 -0.93
CA ALA A 166 -7.45 -18.09 -1.06
C ALA A 166 -8.56 -19.07 -1.38
N THR A 167 -9.71 -18.88 -0.72
CA THR A 167 -10.81 -19.79 -0.95
C THR A 167 -11.38 -19.61 -2.36
N PHE A 168 -11.69 -18.38 -2.72
CA PHE A 168 -12.37 -18.12 -3.98
C PHE A 168 -11.48 -18.46 -5.18
N PHE A 169 -10.18 -18.14 -5.11
CA PHE A 169 -9.25 -18.41 -6.19
C PHE A 169 -8.61 -19.80 -6.11
N LYS A 170 -9.02 -20.60 -5.15
CA LYS A 170 -8.61 -22.00 -5.05
C LYS A 170 -7.10 -22.11 -4.87
N ILE A 171 -6.54 -21.24 -4.03
CA ILE A 171 -5.12 -21.29 -3.73
C ILE A 171 -4.81 -22.52 -2.92
N LYS A 172 -3.70 -23.20 -3.28
CA LYS A 172 -3.33 -24.47 -2.64
CA LYS A 172 -3.33 -24.47 -2.64
C LYS A 172 -2.02 -24.42 -1.83
N GLY A 173 -1.22 -23.41 -2.03
CA GLY A 173 0.07 -23.28 -1.33
C GLY A 173 -0.05 -22.53 -0.02
N ILE A 174 0.85 -21.60 0.22
CA ILE A 174 0.82 -20.81 1.43
C ILE A 174 -0.45 -19.95 1.47
N ASN A 175 -1.00 -19.76 2.67
CA ASN A 175 -2.17 -18.93 2.84
C ASN A 175 -2.20 -18.36 4.27
N TYR A 176 -1.87 -17.07 4.41
CA TYR A 176 -2.03 -16.35 5.67
C TYR A 176 -1.93 -14.86 5.37
N SER A 177 -2.18 -14.09 6.42
CA SER A 177 -2.10 -12.64 6.37
C SER A 177 -0.98 -12.14 7.29
N ILE A 178 -0.17 -11.18 6.88
CA ILE A 178 0.63 -10.40 7.81
C ILE A 178 -0.08 -9.08 8.03
N SER A 179 -0.03 -8.62 9.28
CA SER A 179 -0.49 -7.30 9.71
CA SER A 179 -0.37 -7.25 9.58
C SER A 179 0.69 -6.60 10.43
N SER A 180 0.85 -5.30 10.17
CA SER A 180 1.89 -4.48 10.76
C SER A 180 1.52 -3.00 10.58
N ALA A 181 0.24 -2.70 10.80
CA ALA A 181 -0.27 -1.33 10.72
C ALA A 181 0.04 -0.81 9.33
N CYS A 182 0.64 0.36 9.20
CA CYS A 182 0.85 0.87 7.89
CA CYS A 182 0.98 0.99 7.93
C CYS A 182 1.94 0.19 7.08
N ALA A 183 2.72 -0.69 7.72
CA ALA A 183 3.72 -1.50 7.03
C ALA A 183 3.12 -2.80 6.43
N THR A 184 1.85 -3.08 6.69
CA THR A 184 1.22 -4.39 6.41
C THR A 184 1.61 -4.97 5.07
N SER A 185 1.27 -4.27 3.98
CA SER A 185 1.40 -4.90 2.71
C SER A 185 2.84 -4.89 2.17
N ASN A 186 3.69 -4.05 2.76
CA ASN A 186 5.14 -4.17 2.50
C ASN A 186 5.68 -5.48 3.09
N HIS A 187 5.34 -5.78 4.33
CA HIS A 187 5.73 -7.05 4.90
C HIS A 187 5.11 -8.24 4.17
N CYS A 188 3.87 -8.12 3.71
CA CYS A 188 3.26 -9.20 2.94
C CYS A 188 4.10 -9.51 1.71
N ILE A 189 4.49 -8.46 0.96
CA ILE A 189 5.30 -8.65 -0.22
C ILE A 189 6.67 -9.20 0.16
N GLY A 190 7.31 -8.65 1.19
CA GLY A 190 8.63 -9.14 1.56
C GLY A 190 8.65 -10.58 1.98
N ASN A 191 7.67 -11.01 2.76
CA ASN A 191 7.63 -12.40 3.17
C ASN A 191 7.35 -13.30 1.97
N ALA A 192 6.49 -12.86 1.04
CA ALA A 192 6.24 -13.63 -0.19
C ALA A 192 7.50 -13.77 -1.01
N TYR A 193 8.26 -12.68 -1.10
CA TYR A 193 9.56 -12.66 -1.73
C TYR A 193 10.46 -13.73 -1.12
N GLU A 194 10.58 -13.76 0.21
CA GLU A 194 11.38 -14.76 0.87
C GLU A 194 10.94 -16.18 0.52
N MET A 195 9.64 -16.42 0.52
CA MET A 195 9.10 -17.75 0.22
CA MET A 195 9.23 -17.77 0.24
C MET A 195 9.64 -18.25 -1.14
N ILE A 196 9.68 -17.33 -2.10
CA ILE A 196 10.13 -17.68 -3.43
C ILE A 196 11.65 -17.81 -3.46
N GLN A 197 12.37 -16.87 -2.85
CA GLN A 197 13.81 -16.94 -2.74
C GLN A 197 14.32 -18.28 -2.24
N TYR A 198 13.66 -18.76 -1.18
CA TYR A 198 14.13 -19.97 -0.53
CA TYR A 198 13.93 -20.00 -0.41
C TYR A 198 13.54 -21.26 -1.14
N GLY A 199 12.77 -21.16 -2.21
CA GLY A 199 12.31 -22.30 -2.97
C GLY A 199 11.09 -22.96 -2.43
N LYS A 200 10.36 -22.32 -1.49
CA LYS A 200 9.15 -22.93 -0.95
C LYS A 200 7.93 -22.79 -1.83
N GLN A 201 7.86 -21.70 -2.59
CA GLN A 201 6.80 -21.43 -3.53
C GLN A 201 7.42 -20.86 -4.78
N ASP A 202 6.78 -21.05 -5.95
CA ASP A 202 7.23 -20.45 -7.21
C ASP A 202 6.48 -19.22 -7.66
N ARG A 203 5.26 -19.06 -7.17
CA ARG A 203 4.43 -17.93 -7.48
C ARG A 203 3.69 -17.53 -6.20
N MET A 204 3.55 -16.23 -5.98
CA MET A 204 2.81 -15.72 -4.83
C MET A 204 1.97 -14.55 -5.27
N PHE A 205 0.77 -14.46 -4.72
CA PHE A 205 -0.04 -13.26 -4.75
C PHE A 205 0.20 -12.52 -3.43
N ALA A 206 0.61 -11.29 -3.50
CA ALA A 206 1.00 -10.56 -2.29
C ALA A 206 0.45 -9.16 -2.32
N GLY A 207 0.07 -8.62 -1.18
CA GLY A 207 -0.53 -7.30 -1.14
C GLY A 207 -1.40 -7.10 0.04
N GLY A 208 -2.44 -6.31 -0.12
CA GLY A 208 -3.36 -6.09 0.97
C GLY A 208 -4.38 -5.04 0.65
N CYS A 209 -5.14 -4.65 1.69
CA CYS A 209 -6.33 -3.82 1.54
C CYS A 209 -6.67 -3.15 2.83
N GLU A 210 -7.63 -2.23 2.73
CA GLU A 210 -8.27 -1.65 3.89
C GLU A 210 -9.65 -1.14 3.44
N ASP A 211 -10.65 -1.39 4.24
CA ASP A 211 -11.93 -0.69 4.07
C ASP A 211 -11.70 0.77 4.48
N LEU A 212 -12.64 1.62 4.03
CA LEU A 212 -12.75 3.00 4.45
C LEU A 212 -14.11 3.11 5.15
N ASP A 213 -14.13 3.41 6.44
CA ASP A 213 -15.39 3.36 7.18
C ASP A 213 -15.23 4.23 8.42
N TRP A 214 -16.30 4.95 8.80
CA TRP A 214 -16.21 5.79 9.99
C TRP A 214 -15.78 5.04 11.21
N THR A 215 -16.15 3.77 11.34
CA THR A 215 -15.87 2.98 12.53
C THR A 215 -14.36 2.73 12.72
N LEU A 216 -13.58 2.87 11.63
CA LEU A 216 -12.14 2.86 11.67
C LEU A 216 -11.58 4.27 11.76
N SER A 217 -12.06 5.16 10.89
CA SER A 217 -11.57 6.52 10.83
C SER A 217 -11.68 7.23 12.18
N VAL A 218 -12.75 6.98 12.91
CA VAL A 218 -12.95 7.69 14.19
C VAL A 218 -11.83 7.43 15.16
N LEU A 219 -11.24 6.25 15.11
CA LEU A 219 -10.16 5.88 16.02
C LEU A 219 -8.97 6.83 15.83
N PHE A 220 -8.72 7.18 14.58
CA PHE A 220 -7.65 8.11 14.25
C PHE A 220 -8.05 9.56 14.51
N ASP A 221 -9.31 9.92 14.28
CA ASP A 221 -9.72 11.30 14.57
C ASP A 221 -9.62 11.57 16.08
N ALA A 222 -9.95 10.56 16.91
CA ALA A 222 -9.90 10.69 18.34
C ALA A 222 -8.50 10.86 18.88
N MET A 223 -7.51 10.43 18.13
CA MET A 223 -6.14 10.61 18.52
C MET A 223 -5.56 11.94 17.99
N GLY A 224 -6.34 12.65 17.17
CA GLY A 224 -5.88 13.89 16.59
C GLY A 224 -4.93 13.72 15.43
N ALA A 225 -4.92 12.55 14.82
CA ALA A 225 -3.87 12.20 13.88
C ALA A 225 -4.16 12.65 12.44
N MET A 226 -5.41 12.97 12.15
CA MET A 226 -5.80 13.23 10.76
C MET A 226 -5.96 14.73 10.56
N SER A 227 -5.75 15.16 9.32
CA SER A 227 -5.85 16.59 8.93
C SER A 227 -7.23 17.13 9.18
N SER A 228 -7.25 18.35 9.73
CA SER A 228 -8.50 19.03 9.97
C SER A 228 -8.52 20.49 9.59
N LYS A 229 -7.40 21.08 9.21
CA LYS A 229 -7.35 22.51 8.88
C LYS A 229 -7.65 22.81 7.41
N TYR A 230 -7.85 21.77 6.61
CA TYR A 230 -8.05 21.89 5.17
C TYR A 230 -9.41 21.34 4.75
N ASN A 231 -10.36 21.28 5.66
CA ASN A 231 -11.63 20.67 5.33
C ASN A 231 -12.37 21.42 4.21
N ASP A 232 -12.16 22.71 4.14
CA ASP A 232 -12.77 23.52 3.12
C ASP A 232 -12.07 23.44 1.76
N THR A 233 -10.87 22.87 1.68
CA THR A 233 -10.16 22.60 0.41
C THR A 233 -9.63 21.15 0.44
N PRO A 234 -10.57 20.17 0.43
CA PRO A 234 -10.15 18.81 0.71
C PRO A 234 -9.05 18.28 -0.18
N SER A 235 -9.04 18.71 -1.44
CA SER A 235 -8.09 18.19 -2.42
CA SER A 235 -8.10 18.11 -2.36
C SER A 235 -6.66 18.33 -1.96
N THR A 236 -6.38 19.39 -1.18
CA THR A 236 -5.01 19.71 -0.80
C THR A 236 -4.68 19.38 0.66
N ALA A 237 -5.53 18.61 1.33
CA ALA A 237 -5.35 18.35 2.76
C ALA A 237 -4.12 17.49 3.10
N SER A 238 -3.79 16.59 2.17
CA SER A 238 -2.62 15.74 2.32
C SER A 238 -1.45 16.43 1.60
N ARG A 239 -0.38 16.73 2.34
CA ARG A 239 0.62 17.67 1.87
C ARG A 239 1.95 17.39 2.57
N ALA A 240 2.46 16.17 2.36
CA ALA A 240 3.72 15.77 2.96
C ALA A 240 4.80 16.82 2.63
N TYR A 241 5.56 17.17 3.67
CA TYR A 241 6.68 18.12 3.56
C TYR A 241 6.28 19.58 3.54
N ASP A 242 5.00 19.88 3.48
CA ASP A 242 4.53 21.26 3.57
C ASP A 242 4.72 21.74 5.01
N LYS A 243 5.13 22.99 5.16
CA LYS A 243 5.33 23.56 6.49
C LYS A 243 4.06 23.47 7.36
N ASN A 244 2.89 23.55 6.73
CA ASN A 244 1.62 23.62 7.44
C ASN A 244 0.82 22.31 7.38
N ARG A 245 1.50 21.22 7.09
CA ARG A 245 0.88 19.91 7.22
C ARG A 245 0.30 19.71 8.64
N ASP A 246 -0.81 18.99 8.75
CA ASP A 246 -1.49 18.84 10.03
C ASP A 246 -2.09 17.51 10.31
N GLY A 247 -1.55 16.46 9.71
CA GLY A 247 -2.03 15.11 9.93
C GLY A 247 -2.33 14.42 8.63
N PHE A 248 -2.44 13.11 8.69
CA PHE A 248 -2.69 12.32 7.48
C PHE A 248 -4.14 12.39 7.06
N VAL A 249 -4.38 11.96 5.84
CA VAL A 249 -5.71 11.80 5.30
C VAL A 249 -5.93 10.34 5.04
N ILE A 250 -6.94 9.76 5.67
CA ILE A 250 -7.21 8.34 5.55
C ILE A 250 -7.83 7.96 4.22
N ALA A 251 -7.57 6.74 3.76
CA ALA A 251 -8.06 6.27 2.48
C ALA A 251 -8.36 4.78 2.66
N GLY A 252 -9.07 4.23 1.67
CA GLY A 252 -9.24 2.80 1.55
C GLY A 252 -8.84 2.33 0.19
N GLY A 253 -8.69 1.03 0.00
CA GLY A 253 -8.42 0.44 -1.30
C GLY A 253 -7.69 -0.86 -1.17
N ALA A 254 -7.01 -1.27 -2.24
CA ALA A 254 -6.32 -2.56 -2.25
C ALA A 254 -5.27 -2.57 -3.34
N GLY A 255 -4.31 -3.49 -3.22
CA GLY A 255 -3.37 -3.77 -4.32
C GLY A 255 -2.88 -5.19 -4.23
N VAL A 256 -2.52 -5.74 -5.39
CA VAL A 256 -1.94 -7.08 -5.51
C VAL A 256 -0.78 -7.05 -6.49
N LEU A 257 0.29 -7.71 -6.12
CA LEU A 257 1.37 -8.10 -7.04
C LEU A 257 1.38 -9.61 -7.22
N VAL A 258 1.65 -10.04 -8.45
CA VAL A 258 2.02 -11.42 -8.73
C VAL A 258 3.55 -11.47 -8.73
N LEU A 259 4.08 -12.32 -7.87
CA LEU A 259 5.52 -12.55 -7.78
C LEU A 259 5.84 -13.96 -8.27
N GLU A 260 6.96 -14.10 -8.98
CA GLU A 260 7.39 -15.40 -9.50
CA GLU A 260 7.40 -15.41 -9.49
C GLU A 260 8.89 -15.54 -9.42
N ASP A 261 9.37 -16.77 -9.26
CA ASP A 261 10.83 -16.94 -9.41
C ASP A 261 11.16 -16.64 -10.89
N LEU A 262 12.39 -16.18 -11.10
CA LEU A 262 12.76 -15.69 -12.40
C LEU A 262 12.59 -16.73 -13.51
N GLU A 263 13.08 -17.95 -13.28
CA GLU A 263 12.97 -18.97 -14.33
C GLU A 263 11.52 -19.24 -14.70
N THR A 264 10.63 -19.33 -13.70
CA THR A 264 9.20 -19.52 -13.97
C THR A 264 8.65 -18.43 -14.87
N ALA A 265 8.98 -17.18 -14.52
CA ALA A 265 8.52 -16.03 -15.27
C ALA A 265 9.05 -16.06 -16.72
N LEU A 266 10.34 -16.24 -16.85
CA LEU A 266 10.94 -16.24 -18.20
C LEU A 266 10.33 -17.33 -19.05
N ALA A 267 10.19 -18.53 -18.50
CA ALA A 267 9.74 -19.69 -19.28
C ALA A 267 8.35 -19.54 -19.83
N ARG A 268 7.48 -18.78 -19.15
CA ARG A 268 6.12 -18.62 -19.60
C ARG A 268 5.92 -17.31 -20.41
N GLY A 269 6.99 -16.57 -20.70
CA GLY A 269 6.84 -15.33 -21.42
C GLY A 269 6.12 -14.26 -20.59
N ALA A 270 6.41 -14.22 -19.29
CA ALA A 270 5.82 -13.21 -18.41
C ALA A 270 6.25 -11.83 -18.77
N LYS A 271 5.39 -10.87 -18.49
CA LYS A 271 5.81 -9.48 -18.32
C LYS A 271 6.61 -9.36 -17.04
N ILE A 272 7.68 -8.59 -17.04
CA ILE A 272 8.45 -8.33 -15.85
C ILE A 272 8.46 -6.84 -15.55
N TYR A 273 7.65 -6.43 -14.57
CA TYR A 273 7.54 -5.04 -14.17
C TYR A 273 8.77 -4.60 -13.36
N GLY A 274 9.43 -5.56 -12.73
CA GLY A 274 10.61 -5.29 -11.97
C GLY A 274 11.02 -6.54 -11.23
N GLU A 275 12.24 -6.52 -10.71
CA GLU A 275 12.82 -7.54 -9.86
C GLU A 275 12.85 -7.03 -8.42
N ILE A 276 12.40 -7.82 -7.47
CA ILE A 276 12.59 -7.46 -6.05
C ILE A 276 14.05 -7.75 -5.69
N VAL A 277 14.81 -6.71 -5.30
CA VAL A 277 16.25 -6.87 -5.04
C VAL A 277 16.64 -6.58 -3.62
N GLY A 278 15.74 -6.08 -2.78
CA GLY A 278 16.01 -5.84 -1.37
C GLY A 278 14.74 -5.77 -0.57
N TYR A 279 14.87 -6.18 0.69
CA TYR A 279 13.76 -6.18 1.66
C TYR A 279 14.37 -5.97 3.02
N GLY A 280 13.93 -4.92 3.73
CA GLY A 280 14.29 -4.69 5.10
C GLY A 280 13.07 -4.76 5.99
N ALA A 281 13.28 -5.25 7.21
CA ALA A 281 12.20 -5.34 8.24
C ALA A 281 12.91 -5.22 9.60
N THR A 282 12.55 -4.17 10.34
CA THR A 282 13.12 -3.91 11.65
C THR A 282 12.04 -3.41 12.62
N SER A 283 12.47 -3.11 13.84
CA SER A 283 11.58 -2.67 14.92
C SER A 283 12.28 -1.56 15.69
N ASP A 284 11.55 -0.49 16.01
CA ASP A 284 12.11 0.60 16.77
C ASP A 284 12.29 0.25 18.25
N GLY A 285 11.33 -0.46 18.83
CA GLY A 285 11.36 -0.73 20.25
C GLY A 285 11.41 0.54 21.10
N TYR A 286 10.57 1.51 20.73
CA TYR A 286 10.64 2.86 21.27
C TYR A 286 9.29 3.41 21.64
N ASP A 287 8.52 3.90 20.66
CA ASP A 287 7.24 4.51 20.96
C ASP A 287 6.17 3.89 20.10
N MET A 288 4.95 3.83 20.64
CA MET A 288 3.86 3.24 19.90
C MET A 288 3.41 4.01 18.67
N VAL A 289 3.51 5.33 18.72
CA VAL A 289 2.95 6.17 17.68
C VAL A 289 4.00 6.91 16.90
N ALA A 290 5.07 7.30 17.55
CA ALA A 290 6.09 8.11 16.93
C ALA A 290 7.25 7.22 16.51
N PRO A 291 7.83 7.46 15.35
CA PRO A 291 9.01 6.69 14.96
C PRO A 291 10.26 7.14 15.68
N SER A 292 11.27 6.26 15.80
CA SER A 292 12.54 6.65 16.42
C SER A 292 13.52 7.23 15.42
N GLY A 293 13.40 6.87 14.16
CA GLY A 293 14.40 7.26 13.14
C GLY A 293 15.49 6.21 12.98
N GLU A 294 16.08 5.77 14.10
CA GLU A 294 17.17 4.80 13.97
C GLU A 294 16.67 3.46 13.42
N GLY A 295 15.44 3.07 13.77
CA GLY A 295 14.89 1.85 13.20
C GLY A 295 14.74 1.90 11.69
N ALA A 296 14.34 3.05 11.21
CA ALA A 296 14.22 3.30 9.76
C ALA A 296 15.57 3.22 9.05
N ILE A 297 16.60 3.77 9.68
CA ILE A 297 17.93 3.67 9.12
C ILE A 297 18.34 2.21 8.98
N ARG A 298 18.16 1.41 10.04
CA ARG A 298 18.51 -0.01 9.97
C ARG A 298 17.69 -0.72 8.93
N CYS A 299 16.42 -0.35 8.78
CA CYS A 299 15.55 -1.01 7.81
C CYS A 299 16.00 -0.74 6.38
N MET A 300 16.25 0.54 6.07
CA MET A 300 16.72 0.90 4.73
C MET A 300 18.06 0.26 4.45
N LYS A 301 18.98 0.24 5.43
CA LYS A 301 20.27 -0.38 5.20
C LYS A 301 20.13 -1.87 4.92
N MET A 302 19.23 -2.55 5.62
CA MET A 302 18.98 -3.97 5.37
C MET A 302 18.46 -4.21 3.96
N ALA A 303 17.53 -3.37 3.51
CA ALA A 303 17.03 -3.49 2.14
C ALA A 303 18.14 -3.24 1.11
N LEU A 304 19.02 -2.30 1.38
CA LEU A 304 20.07 -1.87 0.47
C LEU A 304 21.26 -2.80 0.49
N SER A 305 21.32 -3.70 1.48
CA SER A 305 22.51 -4.54 1.61
C SER A 305 22.69 -5.52 0.45
N THR A 306 21.62 -5.78 -0.28
CA THR A 306 21.64 -6.70 -1.38
C THR A 306 21.48 -5.98 -2.73
N VAL A 307 21.60 -4.66 -2.74
CA VAL A 307 21.33 -3.83 -3.91
C VAL A 307 22.67 -3.29 -4.38
N THR A 308 22.97 -3.45 -5.66
CA THR A 308 24.28 -2.96 -6.17
C THR A 308 24.25 -1.62 -6.94
N SER A 309 23.06 -1.29 -7.43
CA SER A 309 22.89 -0.07 -8.22
CA SER A 309 22.80 -0.11 -8.24
C SER A 309 22.42 1.08 -7.35
N LYS A 310 22.62 2.31 -7.85
CA LYS A 310 22.12 3.48 -7.15
C LYS A 310 20.58 3.45 -7.08
N ILE A 311 20.02 4.15 -6.12
CA ILE A 311 18.59 4.35 -6.06
C ILE A 311 18.21 5.61 -6.87
N ASP A 312 17.25 5.46 -7.78
CA ASP A 312 16.82 6.53 -8.66
C ASP A 312 15.60 7.30 -8.19
N TYR A 313 14.88 6.79 -7.20
CA TYR A 313 13.63 7.39 -6.71
C TYR A 313 13.33 6.73 -5.36
N ILE A 314 12.94 7.55 -4.39
CA ILE A 314 12.43 7.12 -3.07
C ILE A 314 10.95 7.49 -2.95
N ASN A 315 10.14 6.46 -2.70
CA ASN A 315 8.75 6.61 -2.32
C ASN A 315 8.70 6.49 -0.80
N PRO A 316 8.64 7.64 -0.11
CA PRO A 316 8.77 7.63 1.35
C PRO A 316 7.49 7.11 2.02
N HIS A 317 7.60 6.88 3.33
CA HIS A 317 6.45 6.66 4.16
C HIS A 317 5.58 7.91 4.28
N ALA A 318 6.26 9.06 4.40
CA ALA A 318 5.69 10.39 4.61
C ALA A 318 4.19 10.48 4.49
N THR A 319 3.53 10.62 5.62
CA THR A 319 2.06 10.61 5.70
C THR A 319 1.43 11.99 5.86
N SER A 320 2.22 13.06 5.89
CA SER A 320 1.75 14.44 6.10
C SER A 320 1.49 14.78 7.56
N THR A 321 2.30 14.18 8.43
CA THR A 321 2.25 14.46 9.87
C THR A 321 3.45 15.28 10.30
N PRO A 322 3.24 16.19 11.25
CA PRO A 322 4.36 16.94 11.84
C PRO A 322 5.47 16.01 12.38
N ALA A 323 5.09 15.01 13.16
CA ALA A 323 6.08 14.13 13.83
C ALA A 323 6.65 12.97 13.01
N GLY A 324 6.01 12.64 11.90
CA GLY A 324 6.41 11.51 11.09
C GLY A 324 7.30 11.88 9.92
N ASP A 325 7.01 12.99 9.24
CA ASP A 325 7.70 13.22 7.97
C ASP A 325 9.20 13.45 8.26
N ALA A 326 9.50 14.11 9.37
CA ALA A 326 10.87 14.54 9.68
C ALA A 326 11.91 13.43 10.06
N PRO A 327 11.57 12.49 10.96
CA PRO A 327 12.58 11.47 11.27
C PRO A 327 12.96 10.59 10.09
N GLU A 328 12.04 10.36 9.19
CA GLU A 328 12.34 9.58 8.00
C GLU A 328 13.29 10.39 7.11
N ILE A 329 13.07 11.70 6.97
CA ILE A 329 13.98 12.54 6.17
C ILE A 329 15.38 12.50 6.77
N GLU A 330 15.48 12.55 8.09
CA GLU A 330 16.79 12.44 8.72
C GLU A 330 17.47 11.08 8.48
N ALA A 331 16.67 10.02 8.48
CA ALA A 331 17.18 8.68 8.19
C ALA A 331 17.71 8.62 6.75
N ILE A 332 16.94 9.18 5.81
CA ILE A 332 17.36 9.26 4.43
C ILE A 332 18.66 10.07 4.26
N ARG A 333 18.74 11.21 4.95
CA ARG A 333 19.95 12.02 4.89
C ARG A 333 21.15 11.22 5.36
N GLN A 334 20.98 10.44 6.44
CA GLN A 334 22.05 9.63 7.03
CA GLN A 334 22.10 9.71 6.99
C GLN A 334 22.61 8.64 6.03
N ILE A 335 21.72 8.02 5.26
CA ILE A 335 22.16 7.00 4.33
C ILE A 335 22.62 7.58 3.00
N PHE A 336 21.86 8.51 2.45
CA PHE A 336 22.06 8.98 1.07
C PHE A 336 22.74 10.33 0.94
N GLY A 337 22.78 11.10 2.05
CA GLY A 337 23.25 12.51 1.96
C GLY A 337 22.06 13.41 1.65
N ALA A 338 22.38 14.66 1.35
CA ALA A 338 21.42 15.71 1.05
C ALA A 338 21.64 16.22 -0.35
N GLY A 339 20.69 16.99 -0.85
CA GLY A 339 20.88 17.66 -2.13
C GLY A 339 20.90 16.69 -3.27
N ASP A 340 21.62 17.03 -4.33
CA ASP A 340 21.61 16.28 -5.58
C ASP A 340 22.13 14.86 -5.51
N VAL A 341 22.98 14.56 -4.56
CA VAL A 341 23.49 13.20 -4.45
C VAL A 341 22.44 12.26 -3.85
N CYS A 342 21.42 12.81 -3.17
CA CYS A 342 20.31 11.96 -2.66
C CYS A 342 19.29 11.69 -3.77
N PRO A 343 18.72 10.48 -3.81
CA PRO A 343 17.67 10.21 -4.83
C PRO A 343 16.52 11.21 -4.69
N PRO A 344 15.84 11.53 -5.80
CA PRO A 344 14.61 12.32 -5.70
C PRO A 344 13.58 11.61 -4.82
N ILE A 345 12.86 12.42 -4.07
CA ILE A 345 11.86 11.94 -3.09
C ILE A 345 10.52 12.55 -3.52
N ALA A 346 9.49 11.70 -3.67
CA ALA A 346 8.17 12.24 -3.94
C ALA A 346 7.14 11.42 -3.18
N ALA A 347 6.39 12.08 -2.31
CA ALA A 347 5.41 11.44 -1.42
C ALA A 347 4.09 11.32 -2.17
N THR A 348 3.74 10.10 -2.57
CA THR A 348 2.51 9.85 -3.27
C THR A 348 1.29 10.02 -2.35
N LYS A 349 1.47 9.97 -1.02
CA LYS A 349 0.32 10.11 -0.14
C LYS A 349 -0.30 11.50 -0.19
N SER A 350 0.42 12.49 -0.69
CA SER A 350 -0.16 13.81 -0.88
C SER A 350 -1.30 13.76 -1.89
N LEU A 351 -1.24 12.85 -2.86
CA LEU A 351 -2.34 12.64 -3.80
C LEU A 351 -3.34 11.60 -3.28
N THR A 352 -2.86 10.53 -2.66
CA THR A 352 -3.69 9.36 -2.42
C THR A 352 -4.30 9.27 -1.04
N GLY A 353 -3.76 9.98 -0.07
CA GLY A 353 -4.01 9.67 1.33
C GLY A 353 -3.34 8.38 1.72
N HIS A 354 -3.62 8.01 2.94
CA HIS A 354 -3.00 6.90 3.60
C HIS A 354 -4.00 5.74 3.72
N SER A 355 -3.84 4.72 2.87
CA SER A 355 -4.75 3.57 2.84
C SER A 355 -4.31 2.42 3.75
N LEU A 356 -3.46 2.72 4.73
CA LEU A 356 -3.31 1.86 5.86
C LEU A 356 -2.76 0.47 5.38
N GLY A 357 -3.48 -0.63 5.57
CA GLY A 357 -3.07 -1.93 5.04
C GLY A 357 -2.71 -1.99 3.60
N ALA A 358 -3.37 -1.18 2.77
CA ALA A 358 -3.14 -1.17 1.32
C ALA A 358 -1.92 -0.37 0.90
N THR A 359 -1.37 0.45 1.80
CA THR A 359 -0.49 1.49 1.30
C THR A 359 0.84 0.93 0.75
N GLY A 360 1.40 -0.11 1.37
CA GLY A 360 2.70 -0.62 0.91
C GLY A 360 2.59 -1.13 -0.53
N VAL A 361 1.64 -2.00 -0.78
CA VAL A 361 1.50 -2.55 -2.12
C VAL A 361 1.11 -1.46 -3.11
N GLN A 362 0.23 -0.55 -2.74
CA GLN A 362 -0.08 0.52 -3.66
C GLN A 362 1.11 1.37 -4.05
N GLU A 363 1.96 1.68 -3.08
CA GLU A 363 3.17 2.44 -3.33
C GLU A 363 4.17 1.66 -4.16
N ALA A 364 4.25 0.35 -3.99
CA ALA A 364 5.03 -0.48 -4.89
C ALA A 364 4.52 -0.33 -6.31
N ILE A 365 3.22 -0.41 -6.48
CA ILE A 365 2.60 -0.26 -7.79
C ILE A 365 2.86 1.16 -8.37
N TYR A 366 2.68 2.20 -7.59
CA TYR A 366 2.94 3.53 -8.12
C TYR A 366 4.38 3.62 -8.59
N SER A 367 5.32 3.11 -7.80
CA SER A 367 6.73 3.19 -8.13
C SER A 367 7.04 2.42 -9.39
N LEU A 368 6.49 1.22 -9.51
CA LEU A 368 6.66 0.42 -10.74
C LEU A 368 6.03 1.04 -11.96
N LEU A 369 4.93 1.73 -11.81
CA LEU A 369 4.30 2.42 -12.92
C LEU A 369 5.11 3.64 -13.33
N MET A 370 5.69 4.34 -12.38
CA MET A 370 6.59 5.45 -12.69
CA MET A 370 6.58 5.45 -12.71
C MET A 370 7.83 4.95 -13.42
N MET A 371 8.37 3.83 -12.96
CA MET A 371 9.49 3.19 -13.66
CA MET A 371 9.50 3.24 -13.66
C MET A 371 9.11 2.82 -15.11
N GLN A 372 7.96 2.20 -15.28
CA GLN A 372 7.48 1.83 -16.61
CA GLN A 372 7.48 1.84 -16.61
C GLN A 372 7.36 3.04 -17.56
N ASN A 373 6.92 4.16 -17.03
CA ASN A 373 6.54 5.34 -17.81
C ASN A 373 7.57 6.46 -17.79
N ASN A 374 8.72 6.24 -17.18
CA ASN A 374 9.81 7.20 -17.27
C ASN A 374 9.51 8.59 -16.72
N PHE A 375 8.86 8.64 -15.56
CA PHE A 375 8.62 9.92 -14.90
C PHE A 375 8.59 9.72 -13.40
N ILE A 376 8.87 10.80 -12.68
CA ILE A 376 8.69 10.86 -11.23
C ILE A 376 7.63 11.94 -10.96
N CYS A 377 6.55 11.56 -10.27
CA CYS A 377 5.46 12.50 -9.98
C CYS A 377 5.93 13.62 -9.05
N GLU A 378 5.25 14.76 -9.14
CA GLU A 378 5.36 15.79 -8.15
C GLU A 378 5.05 15.24 -6.74
N SER A 379 5.70 15.77 -5.73
CA SER A 379 5.30 15.59 -4.33
C SER A 379 4.28 16.71 -4.07
N ALA A 380 3.00 16.36 -4.18
CA ALA A 380 1.93 17.33 -4.36
C ALA A 380 1.65 18.18 -3.12
N HIS A 381 1.03 19.33 -3.38
CA HIS A 381 0.41 20.19 -2.36
C HIS A 381 1.43 20.86 -1.45
N ILE A 382 2.67 21.03 -1.92
CA ILE A 382 3.67 21.78 -1.16
C ILE A 382 3.58 23.22 -1.57
N GLU A 383 2.80 23.94 -0.78
CA GLU A 383 2.59 25.38 -0.98
C GLU A 383 3.71 26.17 -0.34
N GLU A 384 4.25 25.68 0.76
CA GLU A 384 5.45 26.24 1.40
C GLU A 384 6.25 25.09 2.02
N LEU A 385 7.43 24.80 1.44
CA LEU A 385 8.21 23.68 1.94
C LEU A 385 8.67 23.95 3.36
N ASP A 386 8.55 22.97 4.24
CA ASP A 386 9.07 23.08 5.60
C ASP A 386 10.58 23.36 5.48
N PRO A 387 11.07 24.48 6.05
CA PRO A 387 12.51 24.76 5.95
C PRO A 387 13.43 23.69 6.45
N ALA A 388 12.95 22.81 7.33
CA ALA A 388 13.76 21.68 7.82
C ALA A 388 14.18 20.73 6.68
N PHE A 389 13.46 20.77 5.55
CA PHE A 389 13.68 19.85 4.42
C PHE A 389 14.21 20.56 3.19
N ALA A 390 14.63 21.82 3.34
CA ALA A 390 15.06 22.63 2.18
C ALA A 390 16.29 22.13 1.49
N ASP A 391 17.07 21.29 2.18
CA ASP A 391 18.27 20.69 1.61
C ASP A 391 18.03 19.41 0.83
N MET A 392 16.80 18.91 0.80
CA MET A 392 16.56 17.59 0.25
C MET A 392 15.88 17.69 -1.10
N PRO A 393 16.09 16.70 -1.98
CA PRO A 393 15.54 16.70 -3.36
C PRO A 393 14.10 16.20 -3.43
N ILE A 394 13.26 16.88 -2.68
CA ILE A 394 11.80 16.66 -2.72
C ILE A 394 11.27 17.25 -4.03
N VAL A 395 10.54 16.44 -4.79
CA VAL A 395 10.19 16.77 -6.18
C VAL A 395 9.06 17.78 -6.19
N ARG A 396 9.35 18.96 -6.73
CA ARG A 396 8.43 20.07 -6.69
C ARG A 396 7.56 20.18 -7.95
N LYS A 397 8.01 19.52 -9.02
CA LYS A 397 7.36 19.50 -10.34
C LYS A 397 7.70 18.15 -10.95
N ARG A 398 6.77 17.56 -11.66
CA ARG A 398 6.98 16.25 -12.26
C ARG A 398 8.26 16.25 -13.08
N ILE A 399 9.04 15.18 -12.96
CA ILE A 399 10.28 14.99 -13.75
C ILE A 399 9.98 14.01 -14.86
N ASP A 400 10.16 14.47 -16.11
CA ASP A 400 9.90 13.69 -17.29
C ASP A 400 11.17 13.19 -17.92
N ASN A 401 11.00 12.16 -18.75
CA ASN A 401 12.08 11.59 -19.55
C ASN A 401 13.27 11.18 -18.72
N VAL A 402 12.93 10.50 -17.63
CA VAL A 402 13.94 9.98 -16.74
C VAL A 402 13.87 8.44 -16.79
N GLN A 403 15.01 7.79 -16.93
CA GLN A 403 15.06 6.36 -16.87
C GLN A 403 15.35 5.98 -15.41
N LEU A 404 14.34 5.37 -14.82
CA LEU A 404 14.43 4.84 -13.46
C LEU A 404 14.80 3.39 -13.60
N ASN A 405 15.85 2.99 -12.92
CA ASN A 405 16.24 1.59 -12.86
C ASN A 405 16.04 0.94 -11.52
N THR A 406 16.12 1.68 -10.44
CA THR A 406 16.01 1.10 -9.09
C THR A 406 15.24 2.05 -8.23
N VAL A 407 14.21 1.56 -7.55
CA VAL A 407 13.31 2.38 -6.75
C VAL A 407 13.16 1.78 -5.37
N LEU A 408 13.07 2.64 -4.35
CA LEU A 408 12.97 2.20 -2.95
C LEU A 408 11.67 2.74 -2.37
N SER A 409 10.93 1.92 -1.62
CA SER A 409 9.72 2.35 -0.96
CA SER A 409 9.73 2.38 -0.96
C SER A 409 9.71 1.94 0.50
N ASN A 410 9.50 2.91 1.39
CA ASN A 410 9.36 2.73 2.84
C ASN A 410 7.87 2.70 3.22
N SER A 411 7.58 1.89 4.22
CA SER A 411 6.31 1.94 4.98
CA SER A 411 6.31 1.98 4.94
C SER A 411 6.58 1.64 6.41
N PHE A 412 6.17 2.51 7.30
CA PHE A 412 6.42 2.32 8.71
C PHE A 412 5.09 2.34 9.46
N GLY A 413 4.95 1.58 10.48
CA GLY A 413 3.68 1.49 11.16
C GLY A 413 3.77 1.72 12.63
N PHE A 414 2.60 1.98 13.22
CA PHE A 414 2.48 2.03 14.67
C PHE A 414 3.06 0.78 15.28
N GLY A 415 3.59 0.93 16.50
CA GLY A 415 4.28 -0.14 17.12
C GLY A 415 5.72 -0.25 16.72
N GLY A 416 6.25 0.77 16.05
CA GLY A 416 7.64 0.80 15.66
C GLY A 416 8.02 -0.21 14.60
N THR A 417 7.10 -0.58 13.74
CA THR A 417 7.38 -1.61 12.75
C THR A 417 7.79 -0.99 11.42
N ASN A 418 8.90 -1.45 10.85
CA ASN A 418 9.46 -0.85 9.65
C ASN A 418 9.63 -1.86 8.55
N ALA A 419 9.29 -1.51 7.31
CA ALA A 419 9.54 -2.34 6.14
C ALA A 419 9.95 -1.46 4.97
N THR A 420 10.96 -1.94 4.23
CA THR A 420 11.42 -1.25 3.03
C THR A 420 11.56 -2.30 1.91
N LEU A 421 11.14 -1.94 0.71
CA LEU A 421 11.32 -2.78 -0.47
C LEU A 421 12.10 -2.00 -1.53
N VAL A 422 12.92 -2.73 -2.29
CA VAL A 422 13.64 -2.15 -3.42
C VAL A 422 13.35 -3.01 -4.65
N PHE A 423 12.93 -2.33 -5.73
CA PHE A 423 12.61 -2.95 -7.00
C PHE A 423 13.55 -2.42 -8.07
N GLN A 424 13.90 -3.28 -9.03
CA GLN A 424 14.83 -2.91 -10.06
C GLN A 424 14.32 -3.32 -11.44
N ARG A 425 14.57 -2.47 -12.43
CA ARG A 425 14.26 -2.83 -13.81
C ARG A 425 15.09 -4.05 -14.23
N TYR A 426 14.41 -5.04 -14.77
CA TYR A 426 15.04 -6.28 -15.18
C TYR A 426 15.75 -6.08 -16.51
N GLN A 427 17.06 -6.35 -16.52
CA GLN A 427 17.91 -6.23 -17.71
C GLN A 427 18.80 -7.46 -17.80
N GLY A 428 18.35 -8.60 -17.27
CA GLY A 428 19.18 -9.80 -17.22
C GLY A 428 19.67 -10.17 -15.85
NA NA B . 6.50 4.29 0.35
NA NA C . 24.31 -1.97 -1.25
CL CL D . 4.52 3.73 23.99
C10 3MQ E . -3.14 0.92 10.11
C10 3MQ E . -2.69 1.13 10.79
C01 3MQ E . -6.05 -0.01 12.47
C01 3MQ E . -6.07 -0.18 12.17
C02 3MQ E . -7.08 -0.81 12.02
C02 3MQ E . -7.12 -0.94 11.82
C03 3MQ E . -7.96 -0.82 13.16
C03 3MQ E . -7.96 -0.90 12.99
N04 3MQ E . -7.51 -0.10 14.15
N04 3MQ E . -7.43 -0.18 13.92
O05 3MQ E . -6.33 0.43 13.74
O05 3MQ E . -6.26 0.33 13.41
C06 3MQ E . -9.26 -1.62 13.12
C06 3MQ E . -9.26 -1.66 13.13
O07 3MQ E . -9.06 -2.98 13.30
O07 3MQ E . -9.12 -3.08 13.23
C08 3MQ E . -4.85 0.41 11.78
C08 3MQ E . -4.87 0.22 11.49
S09 3MQ E . -4.70 0.25 10.09
S09 3MQ E . -3.57 1.05 12.24
C11 3MQ E . -2.74 1.24 11.36
C11 3MQ E . -3.35 0.54 9.80
C12 3MQ E . -3.74 0.95 12.33
C12 3MQ E . -4.61 0.01 10.20
#